data_1IIW
#
_entry.id   1IIW
#
_cell.length_a   97.258
_cell.length_b   49.483
_cell.length_c   56.374
_cell.angle_alpha   90.00
_cell.angle_beta   117.32
_cell.angle_gamma   90.00
#
_symmetry.space_group_name_H-M   'C 1 2 1'
#
loop_
_entity.id
_entity.type
_entity.pdbx_description
1 polymer 'Slr1257 protein'
2 water water
#
_entity_poly.entity_id   1
_entity_poly.type   'polypeptide(L)'
_entity_poly.pdbx_seq_one_letter_code
;GSAMALKVGVVGNPPFVFYGEGKNAAFTGISLDVWRAVAESQKWNSEYVRQNSISAGITAVAEGELDILIGPISVTPERA
AIEGITFTQPYFSSGIGLLIPGTATPLFRSVGDLKNKEVAVVRDTTAVDWANFYQADVRETNNLTAAITLLQKKQVEAVM
FDRPALIYYTRQNPNLNLEVTEIRVSLEPYGFVLKENSPLQKTINVEMLNLLYSRVIAEFTERWLGPGIEEN
;
_entity_poly.pdbx_strand_id   A
#
# COMPACT_ATOMS: atom_id res chain seq x y z
N GLY A 1 -25.82 -10.18 -14.04
CA GLY A 1 -25.01 -11.23 -14.73
C GLY A 1 -24.70 -12.41 -13.83
N SER A 2 -24.95 -13.61 -14.34
CA SER A 2 -24.71 -14.86 -13.61
C SER A 2 -23.31 -15.45 -13.76
N ALA A 3 -22.41 -14.71 -14.41
CA ALA A 3 -21.06 -15.21 -14.62
C ALA A 3 -20.25 -15.45 -13.35
N MET A 4 -19.41 -16.48 -13.37
CA MET A 4 -18.58 -16.81 -12.23
C MET A 4 -17.84 -15.58 -11.72
N ALA A 5 -17.80 -15.41 -10.41
CA ALA A 5 -17.14 -14.27 -9.81
C ALA A 5 -15.63 -14.43 -9.76
N LEU A 6 -14.92 -13.31 -9.91
CA LEU A 6 -13.47 -13.32 -9.84
C LEU A 6 -13.13 -13.28 -8.36
N LYS A 7 -12.13 -14.05 -7.96
CA LYS A 7 -11.68 -14.10 -6.58
C LYS A 7 -10.68 -12.97 -6.38
N VAL A 8 -11.12 -11.95 -5.65
CA VAL A 8 -10.33 -10.75 -5.41
C VAL A 8 -9.74 -10.63 -4.00
N GLY A 9 -8.44 -10.89 -3.89
CA GLY A 9 -7.76 -10.77 -2.61
C GLY A 9 -7.61 -9.29 -2.30
N VAL A 10 -7.75 -8.93 -1.04
CA VAL A 10 -7.65 -7.53 -0.63
C VAL A 10 -6.69 -7.38 0.54
N VAL A 11 -5.74 -6.47 0.40
CA VAL A 11 -4.76 -6.20 1.44
C VAL A 11 -4.35 -4.74 1.35
N GLY A 12 -4.03 -4.14 2.49
CA GLY A 12 -3.62 -2.75 2.48
C GLY A 12 -4.23 -1.97 3.63
N ASN A 13 -3.82 -0.71 3.74
CA ASN A 13 -4.29 0.18 4.80
C ASN A 13 -4.91 1.42 4.22
N PRO A 14 -5.63 2.20 5.04
CA PRO A 14 -6.27 3.44 4.61
C PRO A 14 -5.18 4.39 4.12
N PRO A 15 -5.51 5.28 3.17
CA PRO A 15 -6.84 5.41 2.55
C PRO A 15 -7.09 4.50 1.36
N PHE A 16 -6.17 3.57 1.09
CA PHE A 16 -6.36 2.67 -0.04
C PHE A 16 -7.28 1.50 0.22
N VAL A 17 -7.25 0.99 1.45
CA VAL A 17 -8.11 -0.13 1.84
C VAL A 17 -8.60 0.03 3.29
N PHE A 18 -9.91 -0.09 3.46
CA PHE A 18 -10.56 -0.01 4.78
C PHE A 18 -11.36 -1.31 4.92
N TYR A 19 -11.40 -1.87 6.13
CA TYR A 19 -12.13 -3.11 6.41
C TYR A 19 -13.35 -2.85 7.30
N GLY A 20 -14.53 -3.18 6.79
CA GLY A 20 -15.76 -3.00 7.54
C GLY A 20 -16.24 -4.28 8.19
N ALA A 26 -17.73 -3.50 3.83
CA ALA A 26 -16.77 -4.61 4.09
C ALA A 26 -15.37 -4.29 3.56
N PHE A 27 -15.31 -3.73 2.35
CA PHE A 27 -14.05 -3.34 1.71
C PHE A 27 -14.27 -2.03 0.97
N THR A 28 -13.52 -0.99 1.34
CA THR A 28 -13.64 0.32 0.70
C THR A 28 -12.25 0.97 0.56
N GLY A 29 -12.21 2.18 -0.02
CA GLY A 29 -10.96 2.87 -0.19
C GLY A 29 -10.59 3.05 -1.65
N ILE A 30 -9.50 3.79 -1.90
CA ILE A 30 -9.02 4.08 -3.24
C ILE A 30 -8.83 2.83 -4.11
N SER A 31 -8.15 1.83 -3.58
CA SER A 31 -7.92 0.59 -4.32
C SER A 31 -9.24 -0.09 -4.73
N LEU A 32 -10.20 -0.09 -3.81
CA LEU A 32 -11.52 -0.67 -4.07
C LEU A 32 -12.30 0.12 -5.11
N ASP A 33 -12.18 1.44 -5.08
CA ASP A 33 -12.87 2.27 -6.05
C ASP A 33 -12.30 2.00 -7.45
N VAL A 34 -10.99 1.78 -7.53
CA VAL A 34 -10.34 1.49 -8.82
C VAL A 34 -10.80 0.14 -9.33
N TRP A 35 -10.68 -0.90 -8.49
CA TRP A 35 -11.08 -2.23 -8.91
C TRP A 35 -12.56 -2.31 -9.30
N ARG A 36 -13.44 -1.74 -8.48
CA ARG A 36 -14.85 -1.76 -8.77
C ARG A 36 -15.19 -1.08 -10.09
N ALA A 37 -14.53 0.05 -10.37
CA ALA A 37 -14.76 0.75 -11.64
C ALA A 37 -14.38 -0.20 -12.79
N VAL A 38 -13.28 -0.93 -12.61
CA VAL A 38 -12.81 -1.88 -13.61
C VAL A 38 -13.82 -3.02 -13.79
N ALA A 39 -14.28 -3.58 -12.67
CA ALA A 39 -15.24 -4.69 -12.69
C ALA A 39 -16.56 -4.27 -13.33
N GLU A 40 -17.09 -3.12 -12.93
CA GLU A 40 -18.35 -2.60 -13.47
C GLU A 40 -18.29 -2.37 -14.97
N SER A 41 -17.16 -1.85 -15.46
CA SER A 41 -17.03 -1.58 -16.89
C SER A 41 -17.14 -2.86 -17.73
N GLN A 42 -16.85 -4.00 -17.11
CA GLN A 42 -16.90 -5.28 -17.78
C GLN A 42 -18.07 -6.14 -17.30
N LYS A 43 -18.85 -5.61 -16.37
CA LYS A 43 -19.99 -6.31 -15.78
C LYS A 43 -19.56 -7.61 -15.09
N TRP A 44 -18.42 -7.55 -14.40
CA TRP A 44 -17.86 -8.67 -13.66
C TRP A 44 -18.39 -8.74 -12.23
N ASN A 45 -18.46 -9.96 -11.70
CA ASN A 45 -18.90 -10.22 -10.32
C ASN A 45 -17.62 -10.49 -9.53
N SER A 46 -17.58 -10.03 -8.29
CA SER A 46 -16.40 -10.17 -7.45
C SER A 46 -16.69 -10.83 -6.10
N GLU A 47 -15.74 -11.64 -5.63
CA GLU A 47 -15.83 -12.29 -4.34
C GLU A 47 -14.57 -11.81 -3.64
N TYR A 48 -14.74 -10.94 -2.63
CA TYR A 48 -13.61 -10.37 -1.90
C TYR A 48 -13.12 -11.23 -0.74
N VAL A 49 -11.80 -11.37 -0.64
CA VAL A 49 -11.18 -12.17 0.39
C VAL A 49 -9.99 -11.41 0.97
N ARG A 50 -10.10 -11.01 2.23
CA ARG A 50 -9.01 -10.30 2.88
C ARG A 50 -7.79 -11.18 3.01
N GLN A 51 -6.63 -10.61 2.70
CA GLN A 51 -5.39 -11.34 2.77
C GLN A 51 -4.60 -10.89 3.98
N ASN A 52 -3.87 -11.83 4.56
CA ASN A 52 -3.06 -11.56 5.74
C ASN A 52 -1.98 -10.52 5.45
N SER A 53 -1.19 -10.76 4.40
CA SER A 53 -0.13 -9.85 4.01
C SER A 53 0.00 -9.83 2.50
N ILE A 54 0.84 -8.92 1.99
CA ILE A 54 1.04 -8.79 0.55
C ILE A 54 1.66 -10.08 -0.03
N SER A 55 2.63 -10.64 0.68
CA SER A 55 3.28 -11.86 0.23
C SER A 55 2.32 -13.05 0.23
N ALA A 56 1.49 -13.12 1.27
CA ALA A 56 0.53 -14.20 1.38
C ALA A 56 -0.45 -14.07 0.23
N GLY A 57 -0.83 -12.84 -0.09
CA GLY A 57 -1.76 -12.60 -1.18
C GLY A 57 -1.18 -12.92 -2.54
N ILE A 58 0.10 -12.60 -2.73
CA ILE A 58 0.76 -12.86 -4.01
C ILE A 58 0.88 -14.36 -4.25
N THR A 59 1.23 -15.10 -3.20
CA THR A 59 1.34 -16.55 -3.31
C THR A 59 -0.02 -17.13 -3.68
N ALA A 60 -1.08 -16.58 -3.09
CA ALA A 60 -2.44 -17.04 -3.36
C ALA A 60 -2.84 -16.83 -4.82
N VAL A 61 -2.30 -15.79 -5.46
CA VAL A 61 -2.59 -15.51 -6.87
C VAL A 61 -1.81 -16.50 -7.72
N ALA A 62 -0.55 -16.76 -7.33
CA ALA A 62 0.34 -17.68 -8.02
C ALA A 62 -0.19 -19.12 -7.98
N GLU A 63 -0.76 -19.49 -6.83
CA GLU A 63 -1.32 -20.83 -6.64
C GLU A 63 -2.74 -20.96 -7.17
N GLY A 64 -3.21 -19.93 -7.88
CA GLY A 64 -4.56 -19.96 -8.45
C GLY A 64 -5.72 -19.83 -7.47
N GLU A 65 -5.41 -19.58 -6.20
CA GLU A 65 -6.42 -19.42 -5.16
C GLU A 65 -7.19 -18.11 -5.37
N LEU A 66 -6.49 -17.13 -5.95
CA LEU A 66 -7.08 -15.82 -6.22
C LEU A 66 -6.87 -15.48 -7.68
N ASP A 67 -7.77 -14.67 -8.23
CA ASP A 67 -7.67 -14.22 -9.60
C ASP A 67 -6.86 -12.92 -9.66
N ILE A 68 -6.99 -12.12 -8.61
CA ILE A 68 -6.28 -10.84 -8.56
C ILE A 68 -6.13 -10.38 -7.12
N LEU A 69 -5.00 -9.74 -6.85
CA LEU A 69 -4.73 -9.17 -5.54
C LEU A 69 -4.75 -7.65 -5.73
N ILE A 70 -5.66 -6.99 -5.03
CA ILE A 70 -5.77 -5.54 -5.14
C ILE A 70 -5.32 -4.86 -3.83
N GLY A 71 -4.95 -3.59 -3.95
CA GLY A 71 -4.50 -2.84 -2.79
C GLY A 71 -3.32 -1.96 -3.17
N PRO A 72 -2.72 -1.25 -2.20
CA PRO A 72 -1.57 -0.38 -2.47
C PRO A 72 -0.32 -1.25 -2.49
N ILE A 73 -0.22 -2.09 -3.51
CA ILE A 73 0.88 -3.03 -3.68
C ILE A 73 1.99 -2.44 -4.55
N SER A 74 3.10 -2.07 -3.91
CA SER A 74 4.24 -1.50 -4.60
C SER A 74 4.89 -2.50 -5.55
N VAL A 75 5.17 -2.03 -6.75
CA VAL A 75 5.83 -2.85 -7.77
C VAL A 75 7.33 -2.78 -7.51
N THR A 76 7.88 -3.85 -6.96
CA THR A 76 9.32 -3.94 -6.65
C THR A 76 9.96 -5.08 -7.42
N PRO A 77 11.30 -5.07 -7.57
CA PRO A 77 12.01 -6.13 -8.28
C PRO A 77 11.77 -7.51 -7.65
N GLU A 78 11.80 -7.55 -6.32
CA GLU A 78 11.59 -8.79 -5.59
C GLU A 78 10.20 -9.38 -5.80
N ARG A 79 9.17 -8.53 -5.79
CA ARG A 79 7.82 -9.02 -5.97
C ARG A 79 7.54 -9.44 -7.42
N ALA A 80 8.09 -8.69 -8.37
CA ALA A 80 7.91 -8.98 -9.78
C ALA A 80 8.66 -10.26 -10.15
N ALA A 81 9.66 -10.62 -9.34
CA ALA A 81 10.45 -11.82 -9.58
C ALA A 81 9.76 -13.11 -9.12
N ILE A 82 8.68 -12.98 -8.35
CA ILE A 82 7.96 -14.15 -7.85
C ILE A 82 7.36 -14.89 -9.04
N GLU A 83 7.57 -16.21 -9.07
CA GLU A 83 7.06 -17.04 -10.16
C GLU A 83 5.53 -17.14 -10.16
N GLY A 84 4.95 -17.14 -11.36
CA GLY A 84 3.51 -17.27 -11.50
C GLY A 84 2.66 -16.02 -11.46
N ILE A 85 3.25 -14.87 -11.19
CA ILE A 85 2.49 -13.65 -11.14
C ILE A 85 3.01 -12.57 -12.09
N THR A 86 2.21 -11.54 -12.28
CA THR A 86 2.57 -10.41 -13.12
C THR A 86 1.77 -9.19 -12.64
N PHE A 87 2.46 -8.07 -12.46
CA PHE A 87 1.81 -6.83 -12.03
C PHE A 87 1.07 -6.14 -13.17
N THR A 88 -0.03 -5.47 -12.85
CA THR A 88 -0.75 -4.69 -13.86
C THR A 88 0.09 -3.43 -13.99
N GLN A 89 -0.31 -2.53 -14.89
CA GLN A 89 0.35 -1.24 -15.02
C GLN A 89 0.05 -0.51 -13.69
N PRO A 90 0.99 0.29 -13.17
CA PRO A 90 0.73 1.01 -11.92
C PRO A 90 -0.39 2.05 -12.05
N TYR A 91 -1.11 2.30 -10.95
CA TYR A 91 -2.22 3.25 -10.95
C TYR A 91 -2.03 4.41 -9.98
N PHE A 92 -0.93 4.40 -9.24
CA PHE A 92 -0.66 5.45 -8.26
C PHE A 92 0.83 5.52 -7.96
N SER A 93 1.37 6.73 -7.86
CA SER A 93 2.78 6.91 -7.54
C SER A 93 2.85 7.30 -6.08
N SER A 94 3.38 6.40 -5.28
CA SER A 94 3.49 6.64 -3.85
C SER A 94 4.95 6.86 -3.47
N GLY A 95 5.20 6.90 -2.17
CA GLY A 95 6.54 7.10 -1.68
C GLY A 95 6.56 6.65 -0.23
N ILE A 96 7.72 6.18 0.23
CA ILE A 96 7.83 5.75 1.62
C ILE A 96 8.20 6.98 2.46
N GLY A 97 7.48 7.19 3.55
CA GLY A 97 7.76 8.34 4.40
C GLY A 97 8.07 8.00 5.84
N LEU A 98 8.13 9.05 6.67
CA LEU A 98 8.44 8.92 8.09
C LEU A 98 7.49 9.73 8.98
N LEU A 99 6.95 9.07 10.00
CA LEU A 99 6.07 9.69 10.98
C LEU A 99 6.89 9.88 12.24
N ILE A 100 7.04 11.13 12.70
CA ILE A 100 7.83 11.42 13.89
C ILE A 100 7.13 12.39 14.84
N PRO A 101 7.62 12.50 16.10
CA PRO A 101 7.01 13.42 17.07
C PRO A 101 7.30 14.83 16.56
N GLY A 102 6.38 15.77 16.78
CA GLY A 102 6.59 17.12 16.32
C GLY A 102 7.93 17.78 16.69
N THR A 103 8.59 17.26 17.73
CA THR A 103 9.88 17.80 18.19
C THR A 103 11.10 17.21 17.48
N ALA A 104 10.96 16.02 16.92
CA ALA A 104 12.04 15.34 16.23
C ALA A 104 12.37 15.90 14.85
N THR A 105 11.58 16.87 14.40
CA THR A 105 11.77 17.49 13.06
C THR A 105 13.19 17.88 12.63
N PRO A 106 13.96 18.54 13.52
CA PRO A 106 15.33 18.92 13.12
C PRO A 106 16.21 17.70 12.89
N LEU A 107 15.90 16.60 13.58
CA LEU A 107 16.66 15.36 13.49
C LEU A 107 16.46 14.55 12.21
N PHE A 108 15.28 14.64 11.63
CA PHE A 108 14.95 13.92 10.41
C PHE A 108 14.80 14.84 9.22
N ARG A 109 15.90 15.06 8.52
CA ARG A 109 15.94 15.97 7.35
C ARG A 109 16.57 15.32 6.12
N SER A 110 17.01 14.06 6.24
CA SER A 110 17.66 13.37 5.14
C SER A 110 17.64 11.87 5.42
N VAL A 111 17.77 11.05 4.39
CA VAL A 111 17.80 9.60 4.59
C VAL A 111 19.07 9.21 5.35
N GLY A 112 20.05 10.10 5.29
CA GLY A 112 21.30 9.87 6.00
C GLY A 112 21.07 9.89 7.49
N ASP A 113 20.07 10.66 7.93
CA ASP A 113 19.75 10.78 9.36
C ASP A 113 19.11 9.52 9.96
N LEU A 114 18.67 8.61 9.09
CA LEU A 114 18.02 7.37 9.52
C LEU A 114 18.98 6.44 10.25
N LYS A 115 20.24 6.48 9.83
CA LYS A 115 21.29 5.65 10.42
C LYS A 115 21.35 5.81 11.94
N ASN A 116 21.17 4.68 12.63
CA ASN A 116 21.20 4.59 14.09
C ASN A 116 19.91 4.97 14.83
N LYS A 117 18.92 5.45 14.09
CA LYS A 117 17.64 5.85 14.68
C LYS A 117 16.72 4.65 14.91
N GLU A 118 16.08 4.61 16.06
CA GLU A 118 15.13 3.54 16.39
C GLU A 118 13.87 3.73 15.55
N VAL A 119 13.82 3.08 14.38
CA VAL A 119 12.69 3.21 13.48
C VAL A 119 11.79 1.98 13.47
N ALA A 120 10.49 2.21 13.66
CA ALA A 120 9.49 1.15 13.64
C ALA A 120 9.02 0.90 12.21
N VAL A 121 8.88 -0.38 11.86
CA VAL A 121 8.42 -0.78 10.53
C VAL A 121 7.43 -1.92 10.68
N VAL A 122 6.57 -2.10 9.67
CA VAL A 122 5.59 -3.18 9.70
C VAL A 122 6.16 -4.34 8.90
N ARG A 123 6.00 -5.55 9.43
CA ARG A 123 6.52 -6.72 8.75
C ARG A 123 5.88 -6.83 7.37
N ASP A 124 6.63 -7.40 6.44
CA ASP A 124 6.17 -7.59 5.08
C ASP A 124 5.80 -6.33 4.31
N THR A 125 6.57 -5.26 4.54
CA THR A 125 6.37 -4.01 3.80
C THR A 125 7.75 -3.63 3.28
N THR A 126 7.79 -2.81 2.25
CA THR A 126 9.05 -2.37 1.67
C THR A 126 9.90 -1.57 2.65
N ALA A 127 9.24 -0.97 3.64
CA ALA A 127 9.93 -0.17 4.65
C ALA A 127 10.98 -0.96 5.42
N VAL A 128 10.74 -2.26 5.59
CA VAL A 128 11.69 -3.12 6.29
C VAL A 128 13.04 -3.07 5.58
N ASP A 129 13.02 -3.28 4.26
CA ASP A 129 14.23 -3.26 3.45
C ASP A 129 14.87 -1.88 3.41
N TRP A 130 14.06 -0.84 3.22
CA TRP A 130 14.58 0.52 3.16
C TRP A 130 15.23 0.95 4.49
N ALA A 131 14.59 0.59 5.60
CA ALA A 131 15.09 0.92 6.95
C ALA A 131 16.40 0.18 7.19
N ASN A 132 16.45 -1.10 6.83
CA ASN A 132 17.66 -1.89 6.99
C ASN A 132 18.75 -1.27 6.14
N PHE A 133 18.40 -0.95 4.89
CA PHE A 133 19.34 -0.36 3.93
C PHE A 133 19.89 0.98 4.42
N TYR A 134 19.06 1.76 5.11
CA TYR A 134 19.51 3.05 5.62
C TYR A 134 20.15 2.96 7.00
N GLN A 135 20.48 1.73 7.39
CA GLN A 135 21.15 1.42 8.65
C GLN A 135 20.47 1.90 9.93
N ALA A 136 19.14 1.89 9.93
CA ALA A 136 18.39 2.29 11.10
C ALA A 136 18.29 1.13 12.08
N ASP A 137 17.82 1.43 13.28
CA ASP A 137 17.62 0.46 14.33
C ASP A 137 16.20 -0.02 14.11
N VAL A 138 16.06 -0.96 13.19
CA VAL A 138 14.76 -1.51 12.81
C VAL A 138 14.00 -2.27 13.90
N ARG A 139 12.77 -1.84 14.14
CA ARG A 139 11.89 -2.47 15.14
C ARG A 139 10.65 -2.98 14.38
N GLU A 140 10.67 -4.27 14.05
CA GLU A 140 9.58 -4.90 13.30
C GLU A 140 8.30 -5.10 14.11
N THR A 141 7.19 -4.64 13.55
CA THR A 141 5.87 -4.77 14.20
C THR A 141 4.89 -5.54 13.30
N ASN A 142 3.77 -5.95 13.87
CA ASN A 142 2.76 -6.71 13.13
C ASN A 142 1.82 -5.89 12.23
N ASN A 143 1.62 -4.63 12.59
CA ASN A 143 0.73 -3.76 11.83
C ASN A 143 1.10 -2.30 12.06
N LEU A 144 0.52 -1.42 11.25
CA LEU A 144 0.78 0.01 11.36
C LEU A 144 0.36 0.56 12.72
N THR A 145 -0.78 0.09 13.23
CA THR A 145 -1.27 0.55 14.52
C THR A 145 -0.28 0.21 15.63
N ALA A 146 0.29 -0.99 15.57
CA ALA A 146 1.27 -1.43 16.57
C ALA A 146 2.55 -0.60 16.45
N ALA A 147 2.92 -0.25 15.21
CA ALA A 147 4.11 0.55 14.95
C ALA A 147 3.92 1.96 15.47
N ILE A 148 2.72 2.52 15.30
CA ILE A 148 2.41 3.86 15.77
C ILE A 148 2.23 3.84 17.29
N THR A 149 1.77 2.71 17.83
CA THR A 149 1.59 2.58 19.27
C THR A 149 2.95 2.57 19.97
N LEU A 150 3.99 2.19 19.23
CA LEU A 150 5.35 2.16 19.75
C LEU A 150 5.87 3.59 19.78
N LEU A 151 5.50 4.38 18.76
CA LEU A 151 5.90 5.77 18.68
C LEU A 151 5.15 6.56 19.75
N GLN A 152 3.82 6.40 19.78
CA GLN A 152 2.93 7.08 20.74
C GLN A 152 3.52 6.87 22.14
N LYS A 153 4.08 5.67 22.35
CA LYS A 153 4.73 5.34 23.62
C LYS A 153 6.04 6.12 23.56
N LYS A 154 7.16 5.43 23.32
CA LYS A 154 8.43 6.12 23.25
C LYS A 154 9.53 5.16 22.88
N GLN A 155 9.14 3.93 22.54
CA GLN A 155 10.10 2.90 22.19
C GLN A 155 10.83 3.14 20.87
N VAL A 156 10.25 3.98 20.01
CA VAL A 156 10.85 4.28 18.71
C VAL A 156 10.87 5.79 18.46
N GLU A 157 11.83 6.24 17.65
CA GLU A 157 11.95 7.65 17.32
C GLU A 157 11.18 8.02 16.05
N ALA A 158 10.71 7.01 15.30
CA ALA A 158 9.97 7.24 14.05
C ALA A 158 9.36 5.95 13.53
N VAL A 159 8.39 6.10 12.62
CA VAL A 159 7.73 4.97 11.98
C VAL A 159 7.91 5.14 10.48
N MET A 160 8.43 4.12 9.81
CA MET A 160 8.61 4.18 8.36
C MET A 160 7.52 3.36 7.70
N PHE A 161 6.77 3.99 6.80
CA PHE A 161 5.66 3.34 6.11
C PHE A 161 5.28 4.21 4.94
N ASP A 162 4.37 3.70 4.11
CA ASP A 162 3.87 4.42 2.94
C ASP A 162 3.38 5.80 3.37
N ARG A 163 3.85 6.82 2.67
CA ARG A 163 3.50 8.20 2.99
C ARG A 163 2.01 8.56 3.03
N PRO A 164 1.22 8.15 2.01
CA PRO A 164 -0.20 8.50 2.03
C PRO A 164 -0.93 7.95 3.25
N ALA A 165 -0.56 6.75 3.67
CA ALA A 165 -1.17 6.11 4.85
C ALA A 165 -0.85 6.85 6.13
N LEU A 166 0.40 7.31 6.26
CA LEU A 166 0.82 8.05 7.45
C LEU A 166 0.11 9.40 7.55
N ILE A 167 -0.03 10.08 6.41
CA ILE A 167 -0.70 11.36 6.34
C ILE A 167 -2.16 11.19 6.72
N TYR A 168 -2.78 10.15 6.19
CA TYR A 168 -4.18 9.89 6.50
C TYR A 168 -4.34 9.71 8.00
N TYR A 169 -3.43 8.95 8.61
CA TYR A 169 -3.48 8.70 10.05
C TYR A 169 -3.40 9.98 10.87
N THR A 170 -2.48 10.87 10.51
CA THR A 170 -2.32 12.13 11.24
C THR A 170 -3.60 12.96 11.14
N ARG A 171 -4.24 12.89 9.98
CA ARG A 171 -5.47 13.64 9.74
C ARG A 171 -6.67 13.14 10.51
N GLN A 172 -6.55 11.95 11.11
CA GLN A 172 -7.62 11.40 11.92
C GLN A 172 -7.27 11.66 13.38
N ASN A 173 -6.00 11.97 13.63
CA ASN A 173 -5.52 12.22 14.98
C ASN A 173 -4.69 13.50 15.13
N PRO A 174 -5.28 14.68 14.87
CA PRO A 174 -4.52 15.93 15.00
C PRO A 174 -4.15 16.19 16.48
N ASN A 175 -4.88 15.55 17.40
CA ASN A 175 -4.62 15.66 18.83
C ASN A 175 -3.20 15.22 19.19
N LEU A 176 -2.68 14.23 18.45
CA LEU A 176 -1.34 13.69 18.68
C LEU A 176 -0.18 14.61 18.28
N ASN A 177 -0.43 15.56 17.40
CA ASN A 177 0.59 16.49 16.93
C ASN A 177 1.82 15.81 16.31
N LEU A 178 1.62 14.60 15.81
CA LEU A 178 2.68 13.86 15.14
C LEU A 178 2.86 14.51 13.77
N GLU A 179 4.02 14.32 13.16
CA GLU A 179 4.31 14.92 11.88
C GLU A 179 4.91 13.95 10.88
N VAL A 180 4.50 14.08 9.62
CA VAL A 180 5.03 13.26 8.54
C VAL A 180 6.06 14.16 7.88
N THR A 181 7.34 13.80 8.00
CA THR A 181 8.42 14.59 7.44
C THR A 181 8.33 14.78 5.92
N GLU A 182 9.08 15.74 5.40
CA GLU A 182 9.09 16.00 3.95
C GLU A 182 9.98 14.96 3.28
N ILE A 183 10.72 14.21 4.11
CA ILE A 183 11.62 13.15 3.66
C ILE A 183 10.87 12.07 2.89
N ARG A 184 11.38 11.75 1.70
CA ARG A 184 10.82 10.70 0.88
C ARG A 184 11.90 9.63 0.81
N VAL A 185 11.74 8.58 1.61
CA VAL A 185 12.69 7.49 1.65
C VAL A 185 12.83 6.84 0.26
N SER A 186 11.73 6.83 -0.49
CA SER A 186 11.72 6.28 -1.84
C SER A 186 10.40 6.58 -2.54
N LEU A 187 10.34 6.25 -3.82
CA LEU A 187 9.13 6.45 -4.62
C LEU A 187 8.76 5.08 -5.17
N GLU A 188 7.53 4.68 -4.92
CA GLU A 188 7.06 3.37 -5.34
C GLU A 188 5.70 3.41 -5.98
N PRO A 189 5.55 2.81 -7.16
CA PRO A 189 4.26 2.81 -7.85
C PRO A 189 3.40 1.63 -7.32
N TYR A 190 2.09 1.83 -7.25
CA TYR A 190 1.17 0.80 -6.79
C TYR A 190 0.52 0.16 -8.01
N GLY A 191 0.29 -1.13 -7.95
CA GLY A 191 -0.38 -1.83 -9.03
C GLY A 191 -1.16 -2.99 -8.43
N PHE A 192 -1.82 -3.78 -9.26
CA PHE A 192 -2.55 -4.96 -8.78
C PHE A 192 -1.75 -6.16 -9.29
N VAL A 193 -2.00 -7.34 -8.73
CA VAL A 193 -1.27 -8.53 -9.13
C VAL A 193 -2.21 -9.58 -9.72
N LEU A 194 -1.82 -10.10 -10.87
CA LEU A 194 -2.59 -11.11 -11.59
C LEU A 194 -1.71 -12.34 -11.77
N LYS A 195 -2.32 -13.45 -12.21
CA LYS A 195 -1.57 -14.66 -12.47
C LYS A 195 -0.86 -14.37 -13.80
N GLU A 196 0.38 -14.84 -13.93
CA GLU A 196 1.14 -14.60 -15.16
C GLU A 196 0.37 -15.14 -16.36
N ASN A 197 0.33 -14.35 -17.42
CA ASN A 197 -0.37 -14.73 -18.66
C ASN A 197 -1.87 -14.83 -18.49
N SER A 198 -2.41 -14.12 -17.50
CA SER A 198 -3.85 -14.13 -17.24
C SER A 198 -4.62 -13.57 -18.43
N PRO A 199 -5.73 -14.22 -18.79
CA PRO A 199 -6.56 -13.77 -19.92
C PRO A 199 -7.33 -12.47 -19.62
N LEU A 200 -7.19 -11.97 -18.40
CA LEU A 200 -7.85 -10.73 -17.98
C LEU A 200 -6.89 -9.55 -18.01
N GLN A 201 -5.59 -9.83 -18.07
CA GLN A 201 -4.55 -8.80 -18.07
C GLN A 201 -4.75 -7.59 -18.99
N LYS A 202 -4.95 -7.83 -20.28
CA LYS A 202 -5.13 -6.74 -21.23
C LYS A 202 -6.37 -5.91 -20.92
N THR A 203 -7.47 -6.58 -20.58
CA THR A 203 -8.71 -5.87 -20.27
C THR A 203 -8.53 -5.00 -19.04
N ILE A 204 -7.89 -5.55 -18.02
CA ILE A 204 -7.63 -4.83 -16.77
C ILE A 204 -6.69 -3.66 -17.00
N ASN A 205 -5.60 -3.89 -17.74
CA ASN A 205 -4.63 -2.83 -18.03
C ASN A 205 -5.26 -1.67 -18.78
N VAL A 206 -6.00 -1.97 -19.84
CA VAL A 206 -6.66 -0.94 -20.64
C VAL A 206 -7.64 -0.11 -19.81
N GLU A 207 -8.39 -0.78 -18.94
CA GLU A 207 -9.37 -0.09 -18.09
C GLU A 207 -8.71 0.80 -17.05
N MET A 208 -7.68 0.27 -16.39
CA MET A 208 -6.97 1.02 -15.38
C MET A 208 -6.34 2.26 -16.00
N LEU A 209 -5.82 2.10 -17.21
CA LEU A 209 -5.21 3.20 -17.94
C LEU A 209 -6.28 4.24 -18.32
N ASN A 210 -7.48 3.78 -18.68
CA ASN A 210 -8.58 4.71 -19.00
C ASN A 210 -8.93 5.56 -17.78
N LEU A 211 -9.04 4.91 -16.62
CA LEU A 211 -9.38 5.58 -15.38
C LEU A 211 -8.27 6.54 -14.98
N LEU A 212 -7.04 6.15 -15.26
CA LEU A 212 -5.86 6.95 -14.94
C LEU A 212 -5.84 8.24 -15.76
N TYR A 213 -5.92 8.09 -17.09
CA TYR A 213 -5.89 9.23 -18.01
C TYR A 213 -7.11 10.13 -17.94
N SER A 214 -8.25 9.58 -17.52
CA SER A 214 -9.49 10.34 -17.42
C SER A 214 -9.61 11.11 -16.11
N ARG A 215 -8.59 11.02 -15.27
CA ARG A 215 -8.56 11.69 -13.97
C ARG A 215 -9.48 11.05 -12.95
N VAL A 216 -10.09 9.92 -13.30
CA VAL A 216 -11.01 9.23 -12.39
C VAL A 216 -10.31 8.74 -11.11
N ILE A 217 -9.09 8.23 -11.25
CA ILE A 217 -8.34 7.76 -10.10
C ILE A 217 -7.93 8.94 -9.21
N ALA A 218 -7.64 10.08 -9.85
CA ALA A 218 -7.27 11.28 -9.10
C ALA A 218 -8.46 11.74 -8.26
N GLU A 219 -9.67 11.53 -8.79
CA GLU A 219 -10.89 11.89 -8.10
C GLU A 219 -11.09 11.00 -6.87
N PHE A 220 -10.82 9.69 -7.02
CA PHE A 220 -10.94 8.72 -5.91
C PHE A 220 -9.99 9.14 -4.80
N THR A 221 -8.74 9.43 -5.18
CA THR A 221 -7.72 9.86 -4.23
C THR A 221 -8.11 11.16 -3.51
N GLU A 222 -8.73 12.09 -4.24
CA GLU A 222 -9.18 13.35 -3.67
C GLU A 222 -10.27 13.13 -2.60
N ARG A 223 -11.07 12.07 -2.78
CA ARG A 223 -12.12 11.77 -1.81
C ARG A 223 -11.57 11.43 -0.42
N TRP A 224 -10.47 10.66 -0.38
CA TRP A 224 -9.88 10.24 0.89
C TRP A 224 -8.61 10.99 1.29
N LEU A 225 -8.13 11.89 0.43
CA LEU A 225 -6.89 12.64 0.71
C LEU A 225 -6.93 14.14 0.37
N GLY A 226 -7.71 14.52 -0.63
CA GLY A 226 -7.79 15.93 -1.01
C GLY A 226 -8.52 16.87 -0.06
#